data_9DEG
#
_entry.id   9DEG
#
_cell.length_a   35.811
_cell.length_b   82.032
_cell.length_c   101.875
_cell.angle_alpha   90.000
_cell.angle_beta   90.000
_cell.angle_gamma   90.000
#
_symmetry.space_group_name_H-M   'P 21 21 21'
#
loop_
_entity.id
_entity.type
_entity.pdbx_description
1 polymer Win1
2 non-polymer 'ACETATE ION'
3 water water
#
_entity_poly.entity_id   1
_entity_poly.type   'polypeptide(L)'
_entity_poly.pdbx_seq_one_letter_code
;LSDRELEASLQAFFEVHTRLVHRLAGIEPDPRFEILDKYIFRQIVADNPEEREKIRLDYGRAAEIFRDALARDITTPEAF
NAYLEALGPDAVRTVQDLTRRFVDVIRADPEAIAKLLNISKEDVQGLARAGEAAIERGEGASLGVLRELRKIEKKRNE
;
_entity_poly.pdbx_strand_id   A,B
#
# COMPACT_ATOMS: atom_id res chain seq x y z
N LEU A 1 17.73 -5.51 -1.87
CA LEU A 1 18.30 -6.26 -0.75
C LEU A 1 17.20 -6.76 0.19
N SER A 2 16.50 -5.83 0.86
CA SER A 2 15.42 -6.22 1.77
C SER A 2 14.11 -6.39 1.01
N ASP A 3 13.14 -7.05 1.67
CA ASP A 3 11.84 -7.30 1.07
C ASP A 3 11.15 -6.00 0.64
N ARG A 4 11.17 -4.99 1.51
CA ARG A 4 10.57 -3.72 1.16
C ARG A 4 11.30 -3.07 -0.01
N GLU A 5 12.63 -3.17 -0.02
CA GLU A 5 13.40 -2.65 -1.15
C GLU A 5 13.10 -3.42 -2.43
N LEU A 6 12.91 -4.75 -2.33
CA LEU A 6 12.46 -5.49 -3.51
C LEU A 6 11.17 -4.91 -4.06
N GLU A 7 10.18 -4.71 -3.17
CA GLU A 7 8.88 -4.24 -3.63
C GLU A 7 8.99 -2.86 -4.27
N ALA A 8 9.72 -1.95 -3.62
CA ALA A 8 9.95 -0.61 -4.17
C ALA A 8 10.63 -0.68 -5.53
N SER A 9 11.66 -1.52 -5.67
CA SER A 9 12.36 -1.63 -6.94
C SER A 9 11.44 -2.14 -8.05
N LEU A 10 10.38 -2.85 -7.69
CA LEU A 10 9.38 -3.38 -8.61
C LEU A 10 8.20 -2.43 -8.82
N GLN A 11 8.38 -1.15 -8.49
CA GLN A 11 7.29 -0.18 -8.58
C GLN A 11 6.66 -0.16 -9.96
N ALA A 12 7.46 -0.28 -11.01
CA ALA A 12 6.93 -0.31 -12.38
C ALA A 12 5.99 -1.48 -12.62
N PHE A 13 6.24 -2.62 -11.96
CA PHE A 13 5.35 -3.76 -12.14
C PHE A 13 3.95 -3.46 -11.60
N PHE A 14 3.88 -3.03 -10.32
CA PHE A 14 2.59 -2.76 -9.70
C PHE A 14 1.80 -1.70 -10.45
N GLU A 15 2.50 -0.72 -11.02
CA GLU A 15 1.83 0.26 -11.85
C GLU A 15 1.26 -0.37 -13.12
N VAL A 16 2.07 -1.15 -13.85
CA VAL A 16 1.52 -1.65 -15.10
C VAL A 16 0.53 -2.79 -14.82
N HIS A 17 0.69 -3.50 -13.70
CA HIS A 17 -0.22 -4.59 -13.39
C HIS A 17 -1.61 -4.05 -13.06
N THR A 18 -1.70 -3.02 -12.22
CA THR A 18 -3.03 -2.48 -11.93
C THR A 18 -3.61 -1.78 -13.15
N ARG A 19 -2.79 -1.09 -13.95
CA ARG A 19 -3.32 -0.39 -15.10
C ARG A 19 -3.83 -1.37 -16.15
N LEU A 20 -3.08 -2.44 -16.41
CA LEU A 20 -3.54 -3.44 -17.36
C LEU A 20 -4.83 -4.11 -16.87
N VAL A 21 -4.85 -4.57 -15.62
CA VAL A 21 -6.04 -5.27 -15.13
C VAL A 21 -7.28 -4.37 -15.20
N HIS A 22 -7.13 -3.09 -14.90
CA HIS A 22 -8.29 -2.20 -14.94
C HIS A 22 -8.68 -1.87 -16.37
N ARG A 23 -7.70 -1.86 -17.29
CA ARG A 23 -7.99 -1.74 -18.72
C ARG A 23 -8.83 -2.92 -19.18
N LEU A 24 -8.40 -4.15 -18.83
CA LEU A 24 -9.18 -5.34 -19.11
C LEU A 24 -10.60 -5.23 -18.56
N ALA A 25 -10.74 -4.81 -17.28
CA ALA A 25 -12.06 -4.71 -16.66
C ALA A 25 -12.86 -3.51 -17.17
N GLY A 26 -12.20 -2.51 -17.74
CA GLY A 26 -12.90 -1.33 -18.20
C GLY A 26 -13.46 -0.43 -17.11
N ILE A 27 -12.79 -0.35 -15.96
CA ILE A 27 -13.30 0.43 -14.84
C ILE A 27 -12.21 1.34 -14.27
N GLU A 28 -12.66 2.35 -13.52
CA GLU A 28 -11.78 3.26 -12.81
C GLU A 28 -10.92 2.51 -11.79
N PRO A 29 -9.72 3.01 -11.49
CA PRO A 29 -8.83 2.32 -10.55
C PRO A 29 -9.46 2.17 -9.17
N ASP A 30 -9.45 0.93 -8.66
CA ASP A 30 -9.69 0.64 -7.26
C ASP A 30 -8.32 0.54 -6.60
N PRO A 31 -7.95 1.48 -5.73
CA PRO A 31 -6.62 1.42 -5.09
C PRO A 31 -6.38 0.14 -4.32
N ARG A 32 -7.43 -0.51 -3.85
CA ARG A 32 -7.25 -1.70 -3.02
C ARG A 32 -6.70 -2.88 -3.81
N PHE A 33 -6.85 -2.88 -5.14
CA PHE A 33 -6.19 -3.93 -5.92
C PHE A 33 -4.67 -3.85 -5.77
N GLU A 34 -4.08 -2.68 -5.99
CA GLU A 34 -2.62 -2.57 -5.88
C GLU A 34 -2.12 -2.84 -4.45
N ILE A 35 -2.90 -2.45 -3.44
CA ILE A 35 -2.60 -2.82 -2.05
C ILE A 35 -2.51 -4.32 -1.91
N LEU A 36 -3.53 -5.04 -2.40
CA LEU A 36 -3.53 -6.50 -2.38
C LEU A 36 -2.35 -7.07 -3.15
N ASP A 37 -2.17 -6.61 -4.40
CA ASP A 37 -1.04 -7.03 -5.24
C ASP A 37 0.27 -6.96 -4.47
N LYS A 38 0.52 -5.83 -3.79
CA LYS A 38 1.80 -5.61 -3.11
C LYS A 38 1.94 -6.50 -1.90
N TYR A 39 0.85 -6.69 -1.13
CA TYR A 39 0.86 -7.62 -0.01
C TYR A 39 1.18 -9.03 -0.47
N ILE A 40 0.52 -9.48 -1.54
CA ILE A 40 0.77 -10.82 -2.09
C ILE A 40 2.26 -11.00 -2.46
N PHE A 41 2.86 -10.00 -3.12
CA PHE A 41 4.28 -10.09 -3.43
C PHE A 41 5.14 -10.19 -2.17
N ARG A 42 4.87 -9.33 -1.19
CA ARG A 42 5.60 -9.42 0.07
C ARG A 42 5.51 -10.81 0.68
N GLN A 43 4.33 -11.43 0.61
CA GLN A 43 4.15 -12.74 1.24
C GLN A 43 4.91 -13.83 0.47
N ILE A 44 4.90 -13.78 -0.85
CA ILE A 44 5.62 -14.78 -1.64
C ILE A 44 7.11 -14.75 -1.29
N VAL A 45 7.72 -13.57 -1.28
CA VAL A 45 9.16 -13.51 -1.04
C VAL A 45 9.51 -13.83 0.42
N ALA A 46 8.63 -13.46 1.37
CA ALA A 46 8.89 -13.81 2.76
C ALA A 46 8.69 -15.31 3.00
N ASP A 47 7.79 -15.94 2.26
CA ASP A 47 7.56 -17.36 2.45
C ASP A 47 8.57 -18.22 1.68
N ASN A 48 9.13 -17.70 0.58
CA ASN A 48 10.09 -18.42 -0.24
C ASN A 48 11.42 -17.67 -0.32
N PRO A 49 12.09 -17.44 0.82
CA PRO A 49 13.26 -16.53 0.80
C PRO A 49 14.39 -17.06 -0.07
N GLU A 50 14.62 -18.38 -0.07
CA GLU A 50 15.62 -18.99 -0.94
C GLU A 50 15.35 -18.72 -2.41
N GLU A 51 14.19 -18.18 -2.77
CA GLU A 51 13.78 -18.04 -4.17
C GLU A 51 13.52 -16.60 -4.56
N ARG A 52 13.94 -15.65 -3.73
CA ARG A 52 13.47 -14.27 -3.86
C ARG A 52 13.98 -13.60 -5.13
N GLU A 53 15.21 -13.92 -5.57
CA GLU A 53 15.69 -13.34 -6.82
C GLU A 53 14.92 -13.93 -8.01
N LYS A 54 14.62 -15.23 -8.00
CA LYS A 54 13.78 -15.78 -9.06
C LYS A 54 12.40 -15.10 -9.09
N ILE A 55 11.79 -14.93 -7.90
CA ILE A 55 10.50 -14.23 -7.83
C ILE A 55 10.66 -12.79 -8.30
N ARG A 56 11.75 -12.13 -7.93
CA ARG A 56 11.95 -10.74 -8.32
C ARG A 56 12.03 -10.61 -9.83
N LEU A 57 12.87 -11.44 -10.47
CA LEU A 57 13.03 -11.29 -11.92
C LEU A 57 11.77 -11.72 -12.67
N ASP A 58 10.98 -12.65 -12.13
CA ASP A 58 9.71 -13.02 -12.78
C ASP A 58 8.75 -11.82 -12.82
N TYR A 59 8.61 -11.13 -11.69
CA TYR A 59 7.81 -9.90 -11.64
C TYR A 59 8.37 -8.84 -12.58
N GLY A 60 9.71 -8.67 -12.58
CA GLY A 60 10.33 -7.72 -13.48
C GLY A 60 10.09 -8.09 -14.93
N ARG A 61 10.13 -9.39 -15.25
CA ARG A 61 9.78 -9.83 -16.60
C ARG A 61 8.29 -9.58 -16.88
N ALA A 62 7.42 -9.94 -15.94
CA ALA A 62 5.99 -9.64 -16.09
C ALA A 62 5.75 -8.14 -16.31
N ALA A 63 6.52 -7.29 -15.64
CA ALA A 63 6.39 -5.84 -15.84
C ALA A 63 6.56 -5.43 -17.30
N GLU A 64 7.59 -5.97 -17.98
CA GLU A 64 7.77 -5.63 -19.39
C GLU A 64 6.61 -6.16 -20.22
N ILE A 65 6.19 -7.40 -19.97
CA ILE A 65 5.08 -7.99 -20.73
C ILE A 65 3.83 -7.13 -20.57
N PHE A 66 3.55 -6.70 -19.33
CA PHE A 66 2.33 -5.92 -19.10
C PHE A 66 2.45 -4.54 -19.71
N ARG A 67 3.61 -3.90 -19.53
CA ARG A 67 3.89 -2.61 -20.15
C ARG A 67 3.65 -2.65 -21.65
N ASP A 68 4.21 -3.65 -22.32
CA ASP A 68 4.00 -3.77 -23.76
C ASP A 68 2.53 -4.04 -24.09
N ALA A 69 1.84 -4.84 -23.26
CA ALA A 69 0.41 -5.04 -23.45
C ALA A 69 -0.34 -3.71 -23.43
N LEU A 70 -0.07 -2.87 -22.42
CA LEU A 70 -0.69 -1.56 -22.32
C LEU A 70 -0.37 -0.67 -23.53
N ALA A 71 0.90 -0.67 -23.98
CA ALA A 71 1.28 0.12 -25.15
C ALA A 71 0.48 -0.28 -26.39
N ARG A 72 -0.02 -1.51 -26.47
CA ARG A 72 -0.88 -1.95 -27.56
C ARG A 72 -2.36 -1.74 -27.28
N ASP A 73 -2.71 -1.22 -26.09
CA ASP A 73 -4.08 -1.08 -25.63
C ASP A 73 -4.86 -2.38 -25.82
N ILE A 74 -4.28 -3.47 -25.30
CA ILE A 74 -5.04 -4.70 -25.13
C ILE A 74 -6.18 -4.45 -24.15
N THR A 75 -7.40 -4.81 -24.54
CA THR A 75 -8.57 -4.62 -23.68
C THR A 75 -9.35 -5.89 -23.40
N THR A 76 -8.97 -7.04 -23.97
CA THR A 76 -9.68 -8.25 -23.62
C THR A 76 -8.68 -9.34 -23.25
N PRO A 77 -9.07 -10.27 -22.37
CA PRO A 77 -8.19 -11.41 -22.08
C PRO A 77 -7.77 -12.18 -23.31
N GLU A 78 -8.68 -12.33 -24.28
CA GLU A 78 -8.35 -13.09 -25.48
C GLU A 78 -7.23 -12.41 -26.26
N ALA A 79 -7.37 -11.11 -26.51
CA ALA A 79 -6.30 -10.37 -27.17
C ALA A 79 -5.00 -10.44 -26.39
N PHE A 80 -5.08 -10.38 -25.05
CA PHE A 80 -3.86 -10.50 -24.24
C PHE A 80 -3.24 -11.88 -24.40
N ASN A 81 -4.07 -12.92 -24.41
CA ASN A 81 -3.58 -14.29 -24.54
C ASN A 81 -2.87 -14.52 -25.88
N ALA A 82 -3.42 -13.99 -26.97
CA ALA A 82 -2.78 -14.13 -28.28
C ALA A 82 -1.44 -13.39 -28.31
N TYR A 83 -1.42 -12.19 -27.73
CA TYR A 83 -0.17 -11.46 -27.60
C TYR A 83 0.85 -12.29 -26.83
N LEU A 84 0.45 -12.81 -25.67
CA LEU A 84 1.32 -13.62 -24.84
C LEU A 84 1.81 -14.86 -25.58
N GLU A 85 0.93 -15.50 -26.36
CA GLU A 85 1.36 -16.68 -27.10
C GLU A 85 2.34 -16.31 -28.22
N ALA A 86 2.11 -15.18 -28.89
CA ALA A 86 3.10 -14.67 -29.83
C ALA A 86 4.44 -14.37 -29.17
N LEU A 87 4.44 -13.94 -27.90
CA LEU A 87 5.71 -13.70 -27.22
C LEU A 87 6.49 -14.99 -27.07
N GLY A 88 5.81 -16.11 -26.84
CA GLY A 88 6.46 -17.39 -26.73
C GLY A 88 6.21 -18.10 -25.42
N PRO A 89 6.61 -19.38 -25.36
CA PRO A 89 6.29 -20.22 -24.19
C PRO A 89 6.80 -19.68 -22.87
N ASP A 90 7.92 -18.94 -22.87
CA ASP A 90 8.49 -18.46 -21.61
C ASP A 90 7.70 -17.29 -21.06
N ALA A 91 7.23 -16.41 -21.95
CA ALA A 91 6.33 -15.34 -21.52
C ALA A 91 5.03 -15.89 -20.97
N VAL A 92 4.47 -16.92 -21.63
CA VAL A 92 3.26 -17.57 -21.11
C VAL A 92 3.51 -18.10 -19.71
N ARG A 93 4.59 -18.87 -19.55
CA ARG A 93 4.88 -19.50 -18.27
C ARG A 93 5.11 -18.46 -17.18
N THR A 94 5.78 -17.35 -17.52
CA THR A 94 6.05 -16.31 -16.54
C THR A 94 4.74 -15.73 -15.99
N VAL A 95 3.79 -15.43 -16.88
CA VAL A 95 2.53 -14.86 -16.43
C VAL A 95 1.67 -15.89 -15.71
N GLN A 96 1.62 -17.13 -16.23
CA GLN A 96 0.84 -18.19 -15.59
C GLN A 96 1.33 -18.48 -14.17
N ASP A 97 2.65 -18.57 -13.98
CA ASP A 97 3.17 -18.78 -12.62
C ASP A 97 2.82 -17.61 -11.71
N LEU A 98 2.95 -16.39 -12.21
CA LEU A 98 2.63 -15.22 -11.41
C LEU A 98 1.16 -15.24 -10.98
N THR A 99 0.27 -15.51 -11.94
CA THR A 99 -1.15 -15.64 -11.68
C THR A 99 -1.46 -16.74 -10.66
N ARG A 100 -0.83 -17.91 -10.83
CA ARG A 100 -1.12 -19.05 -9.96
C ARG A 100 -0.69 -18.77 -8.52
N ARG A 101 0.47 -18.15 -8.32
CA ARG A 101 0.91 -17.78 -6.98
C ARG A 101 -0.02 -16.74 -6.37
N PHE A 102 -0.48 -15.81 -7.19
CA PHE A 102 -1.44 -14.79 -6.77
C PHE A 102 -2.65 -15.40 -6.06
N VAL A 103 -3.37 -16.29 -6.75
CA VAL A 103 -4.57 -16.90 -6.17
C VAL A 103 -4.20 -17.75 -4.97
N ASP A 104 -3.08 -18.48 -5.07
CA ASP A 104 -2.74 -19.41 -3.98
C ASP A 104 -2.44 -18.68 -2.69
N VAL A 105 -1.84 -17.49 -2.75
CA VAL A 105 -1.62 -16.72 -1.53
C VAL A 105 -2.94 -16.27 -0.92
N ILE A 106 -3.86 -15.80 -1.77
CA ILE A 106 -5.17 -15.40 -1.26
C ILE A 106 -5.86 -16.57 -0.57
N ARG A 107 -5.79 -17.75 -1.18
CA ARG A 107 -6.50 -18.89 -0.60
C ARG A 107 -5.80 -19.41 0.64
N ALA A 108 -4.47 -19.31 0.71
CA ALA A 108 -3.72 -19.89 1.82
C ALA A 108 -3.78 -19.07 3.11
N ASP A 109 -4.06 -17.78 3.04
CA ASP A 109 -4.15 -16.94 4.24
C ASP A 109 -5.26 -15.92 4.11
N PRO A 110 -6.51 -16.39 4.10
CA PRO A 110 -7.64 -15.45 3.99
C PRO A 110 -7.82 -14.55 5.20
N GLU A 111 -7.48 -15.03 6.41
CA GLU A 111 -7.63 -14.21 7.61
C GLU A 111 -6.74 -12.96 7.54
N ALA A 112 -5.47 -13.14 7.15
CA ALA A 112 -4.58 -12.00 7.04
C ALA A 112 -5.06 -11.02 5.98
N ILE A 113 -5.58 -11.51 4.86
CA ILE A 113 -6.04 -10.60 3.83
C ILE A 113 -7.35 -9.93 4.28
N ALA A 114 -8.19 -10.67 4.99
CA ALA A 114 -9.45 -10.07 5.43
C ALA A 114 -9.21 -8.91 6.38
N LYS A 115 -8.19 -9.01 7.25
CA LYS A 115 -7.79 -7.90 8.11
C LYS A 115 -7.22 -6.75 7.29
N LEU A 116 -6.29 -7.06 6.37
CA LEU A 116 -5.67 -6.04 5.53
C LEU A 116 -6.72 -5.13 4.90
N LEU A 117 -7.78 -5.72 4.34
CA LEU A 117 -8.79 -5.02 3.57
C LEU A 117 -10.03 -4.72 4.39
N ASN A 118 -10.05 -5.13 5.67
CA ASN A 118 -11.21 -5.06 6.56
C ASN A 118 -12.46 -5.63 5.87
N ILE A 119 -12.32 -6.85 5.36
CA ILE A 119 -13.45 -7.61 4.83
C ILE A 119 -13.48 -8.96 5.53
N SER A 120 -14.50 -9.75 5.23
CA SER A 120 -14.69 -10.99 5.96
C SER A 120 -13.84 -12.09 5.37
N LYS A 121 -13.63 -13.14 6.16
CA LYS A 121 -12.97 -14.34 5.63
C LYS A 121 -13.74 -14.91 4.43
N GLU A 122 -15.08 -14.93 4.50
CA GLU A 122 -15.89 -15.37 3.36
C GLU A 122 -15.59 -14.56 2.12
N ASP A 123 -15.50 -13.22 2.29
CA ASP A 123 -15.21 -12.34 1.16
C ASP A 123 -13.87 -12.69 0.51
N VAL A 124 -12.84 -12.94 1.32
CA VAL A 124 -11.53 -13.22 0.75
C VAL A 124 -11.54 -14.55 0.01
N GLN A 125 -12.19 -15.56 0.59
CA GLN A 125 -12.42 -16.82 -0.13
C GLN A 125 -13.20 -16.56 -1.41
N GLY A 126 -14.14 -15.62 -1.39
CA GLY A 126 -14.80 -15.24 -2.62
C GLY A 126 -13.83 -14.67 -3.63
N LEU A 127 -12.81 -13.93 -3.18
CA LEU A 127 -11.80 -13.41 -4.10
C LEU A 127 -11.01 -14.55 -4.73
N ALA A 128 -10.60 -15.53 -3.91
CA ALA A 128 -9.85 -16.67 -4.42
C ALA A 128 -10.68 -17.46 -5.41
N ARG A 129 -11.97 -17.64 -5.09
CA ARG A 129 -12.90 -18.31 -5.97
C ARG A 129 -12.99 -17.58 -7.30
N ALA A 130 -13.17 -16.27 -7.27
CA ALA A 130 -13.29 -15.52 -8.50
C ALA A 130 -11.99 -15.58 -9.30
N GLY A 131 -10.84 -15.59 -8.61
CA GLY A 131 -9.57 -15.73 -9.31
C GLY A 131 -9.44 -17.07 -10.01
N GLU A 132 -9.74 -18.16 -9.31
CA GLU A 132 -9.71 -19.49 -9.94
C GLU A 132 -10.65 -19.57 -11.13
N ALA A 133 -11.86 -19.02 -10.99
CA ALA A 133 -12.84 -19.11 -12.06
C ALA A 133 -12.38 -18.32 -13.28
N ALA A 134 -11.68 -17.20 -13.07
CA ALA A 134 -11.14 -16.45 -14.19
C ALA A 134 -10.00 -17.21 -14.85
N ILE A 135 -9.11 -17.82 -14.05
CA ILE A 135 -8.07 -18.68 -14.61
C ILE A 135 -8.71 -19.76 -15.47
N GLU A 136 -9.81 -20.33 -14.98
CA GLU A 136 -10.53 -21.38 -15.69
C GLU A 136 -11.00 -20.90 -17.05
N ARG A 137 -11.55 -19.68 -17.10
CA ARG A 137 -12.04 -19.09 -18.34
C ARG A 137 -10.93 -18.52 -19.21
N GLY A 138 -9.67 -18.72 -18.83
CA GLY A 138 -8.57 -18.16 -19.59
C GLY A 138 -8.31 -16.69 -19.35
N GLU A 139 -8.86 -16.11 -18.27
CA GLU A 139 -8.82 -14.67 -18.03
C GLU A 139 -7.67 -14.24 -17.13
N GLY A 140 -6.98 -15.15 -16.49
CA GLY A 140 -5.98 -14.71 -15.53
C GLY A 140 -6.63 -14.25 -14.23
N ALA A 141 -6.00 -14.52 -13.10
CA ALA A 141 -6.70 -14.43 -11.83
C ALA A 141 -6.91 -12.98 -11.39
N SER A 142 -5.98 -12.09 -11.72
CA SER A 142 -6.09 -10.70 -11.28
C SER A 142 -7.42 -10.08 -11.70
N LEU A 143 -7.92 -10.43 -12.87
CA LEU A 143 -9.15 -9.82 -13.36
C LEU A 143 -10.37 -10.29 -12.59
N GLY A 144 -10.44 -11.59 -12.29
CA GLY A 144 -11.53 -12.05 -11.44
C GLY A 144 -11.48 -11.44 -10.06
N VAL A 145 -10.27 -11.29 -9.50
CA VAL A 145 -10.14 -10.72 -8.16
C VAL A 145 -10.58 -9.26 -8.15
N LEU A 146 -10.18 -8.49 -9.16
CA LEU A 146 -10.61 -7.10 -9.24
C LEU A 146 -12.13 -7.00 -9.30
N ARG A 147 -12.75 -7.76 -10.20
CA ARG A 147 -14.21 -7.74 -10.31
C ARG A 147 -14.87 -8.10 -8.98
N GLU A 148 -14.37 -9.14 -8.32
CA GLU A 148 -14.96 -9.54 -7.04
C GLU A 148 -14.71 -8.50 -5.94
N LEU A 149 -13.56 -7.81 -5.96
CA LEU A 149 -13.35 -6.69 -5.04
C LEU A 149 -14.41 -5.61 -5.24
N ARG A 150 -14.74 -5.31 -6.49
CA ARG A 150 -15.75 -4.28 -6.75
C ARG A 150 -17.11 -4.73 -6.25
N LYS A 151 -17.42 -6.01 -6.41
CA LYS A 151 -18.67 -6.56 -5.89
C LYS A 151 -18.70 -6.47 -4.37
N ILE A 152 -17.60 -6.84 -3.70
CA ILE A 152 -17.58 -6.74 -2.25
C ILE A 152 -17.81 -5.30 -1.81
N GLU A 153 -17.21 -4.33 -2.52
CA GLU A 153 -17.38 -2.93 -2.15
C GLU A 153 -18.83 -2.47 -2.35
N LYS A 154 -19.56 -3.10 -3.27
CA LYS A 154 -20.96 -2.76 -3.49
C LYS A 154 -21.79 -2.88 -2.22
N LYS A 155 -21.39 -3.75 -1.29
CA LYS A 155 -22.14 -3.94 -0.05
C LYS A 155 -21.92 -2.83 0.97
N ARG A 156 -21.00 -1.89 0.72
CA ARG A 156 -20.90 -0.72 1.59
C ARG A 156 -22.23 0.04 1.60
N ASN A 157 -22.79 0.28 0.42
CA ASN A 157 -24.16 0.77 0.29
C ASN A 157 -24.71 0.49 -1.10
N LEU B 1 10.11 12.97 -12.44
CA LEU B 1 9.68 11.81 -11.67
C LEU B 1 8.18 11.84 -11.45
N SER B 2 7.52 10.69 -11.60
CA SER B 2 6.09 10.61 -11.38
C SER B 2 5.77 10.46 -9.91
N ASP B 3 4.49 10.74 -9.58
CA ASP B 3 4.00 10.62 -8.21
C ASP B 3 4.28 9.25 -7.61
N ARG B 4 4.11 8.19 -8.42
CA ARG B 4 4.38 6.85 -7.92
C ARG B 4 5.87 6.61 -7.74
N GLU B 5 6.67 7.04 -8.72
CA GLU B 5 8.12 6.92 -8.61
C GLU B 5 8.65 7.70 -7.42
N LEU B 6 8.06 8.86 -7.14
CA LEU B 6 8.44 9.63 -5.97
C LEU B 6 8.20 8.82 -4.70
N GLU B 7 7.01 8.21 -4.58
CA GLU B 7 6.68 7.41 -3.42
C GLU B 7 7.66 6.25 -3.24
N ALA B 8 8.02 5.59 -4.34
CA ALA B 8 8.97 4.47 -4.32
C ALA B 8 10.38 4.93 -3.92
N SER B 9 10.82 6.08 -4.43
CA SER B 9 12.11 6.63 -4.01
C SER B 9 12.14 6.92 -2.51
N LEU B 10 10.97 7.14 -1.90
CA LEU B 10 10.87 7.42 -0.47
C LEU B 10 10.50 6.18 0.34
N GLN B 11 10.68 4.97 -0.21
CA GLN B 11 10.44 3.75 0.56
C GLN B 11 11.07 3.81 1.94
N ALA B 12 12.30 4.39 2.04
CA ALA B 12 13.00 4.45 3.33
C ALA B 12 12.22 5.24 4.35
N PHE B 13 11.59 6.34 3.93
CA PHE B 13 10.76 7.10 4.87
C PHE B 13 9.63 6.25 5.45
N PHE B 14 8.85 5.59 4.56
CA PHE B 14 7.68 4.85 5.02
C PHE B 14 8.08 3.72 5.94
N GLU B 15 9.21 3.07 5.65
CA GLU B 15 9.71 2.04 6.55
C GLU B 15 10.01 2.61 7.94
N VAL B 16 10.79 3.68 8.01
CA VAL B 16 11.20 4.16 9.34
C VAL B 16 10.05 4.86 10.03
N HIS B 17 9.10 5.41 9.26
CA HIS B 17 7.96 6.10 9.87
C HIS B 17 7.06 5.09 10.57
N THR B 18 6.67 4.01 9.86
CA THR B 18 5.84 3.02 10.52
C THR B 18 6.61 2.33 11.65
N ARG B 19 7.92 2.12 11.51
CA ARG B 19 8.62 1.43 12.59
C ARG B 19 8.74 2.31 13.82
N LEU B 20 8.97 3.61 13.63
CA LEU B 20 9.07 4.51 14.79
C LEU B 20 7.73 4.63 15.49
N VAL B 21 6.67 4.94 14.74
CA VAL B 21 5.35 5.06 15.34
C VAL B 21 4.94 3.79 16.06
N HIS B 22 5.25 2.61 15.46
CA HIS B 22 4.88 1.38 16.15
C HIS B 22 5.76 1.15 17.38
N ARG B 23 7.01 1.61 17.32
CA ARG B 23 7.88 1.58 18.49
C ARG B 23 7.35 2.48 19.60
N LEU B 24 7.02 3.73 19.27
CA LEU B 24 6.41 4.62 20.25
C LEU B 24 5.13 4.05 20.83
N ALA B 25 4.35 3.32 20.02
CA ALA B 25 3.09 2.76 20.49
C ALA B 25 3.27 1.48 21.30
N GLY B 26 4.40 0.79 21.17
CA GLY B 26 4.57 -0.49 21.83
C GLY B 26 3.84 -1.66 21.22
N ILE B 27 3.34 -1.55 19.99
CA ILE B 27 2.54 -2.62 19.38
C ILE B 27 3.24 -3.18 18.14
N GLU B 28 2.86 -4.40 17.77
CA GLU B 28 3.39 -5.04 16.56
C GLU B 28 2.84 -4.33 15.32
N PRO B 29 3.56 -4.42 14.18
CA PRO B 29 3.16 -3.65 12.99
C PRO B 29 1.72 -3.94 12.57
N ASP B 30 0.99 -2.87 12.29
CA ASP B 30 -0.30 -2.95 11.60
C ASP B 30 -0.07 -2.48 10.18
N PRO B 31 -0.16 -3.37 9.19
CA PRO B 31 0.16 -2.95 7.81
C PRO B 31 -0.72 -1.84 7.30
N ARG B 32 -1.94 -1.70 7.83
CA ARG B 32 -2.79 -0.64 7.32
C ARG B 32 -2.25 0.75 7.64
N PHE B 33 -1.37 0.88 8.64
CA PHE B 33 -0.82 2.21 8.91
C PHE B 33 0.01 2.69 7.74
N GLU B 34 0.94 1.85 7.25
CA GLU B 34 1.78 2.21 6.12
C GLU B 34 0.97 2.45 4.86
N ILE B 35 -0.10 1.66 4.66
CA ILE B 35 -1.02 1.87 3.56
C ILE B 35 -1.61 3.28 3.63
N LEU B 36 -2.17 3.64 4.79
CA LEU B 36 -2.69 4.99 4.99
C LEU B 36 -1.61 6.05 4.73
N ASP B 37 -0.40 5.85 5.29
CA ASP B 37 0.69 6.82 5.13
C ASP B 37 1.02 7.07 3.66
N LYS B 38 1.15 5.98 2.88
CA LYS B 38 1.46 6.12 1.45
C LYS B 38 0.35 6.85 0.72
N TYR B 39 -0.90 6.60 1.08
CA TYR B 39 -2.00 7.28 0.42
C TYR B 39 -1.99 8.77 0.74
N ILE B 40 -1.73 9.12 2.00
CA ILE B 40 -1.63 10.53 2.39
C ILE B 40 -0.49 11.23 1.64
N PHE B 41 0.66 10.55 1.49
CA PHE B 41 1.72 11.12 0.67
C PHE B 41 1.25 11.33 -0.77
N ARG B 42 0.56 10.34 -1.34
CA ARG B 42 0.11 10.48 -2.72
C ARG B 42 -0.88 11.63 -2.87
N GLN B 43 -1.74 11.84 -1.88
CA GLN B 43 -2.69 12.96 -1.95
C GLN B 43 -1.97 14.30 -1.85
N ILE B 44 -0.98 14.42 -0.96
CA ILE B 44 -0.32 15.72 -0.77
C ILE B 44 0.33 16.17 -2.06
N VAL B 45 1.07 15.28 -2.72
CA VAL B 45 1.81 15.72 -3.90
C VAL B 45 0.85 15.93 -5.07
N ALA B 46 -0.24 15.16 -5.13
CA ALA B 46 -1.25 15.38 -6.16
C ALA B 46 -1.98 16.70 -5.95
N ASP B 47 -2.27 17.05 -4.71
CA ASP B 47 -2.96 18.31 -4.44
C ASP B 47 -2.04 19.52 -4.39
N ASN B 48 -0.71 19.32 -4.30
CA ASN B 48 0.26 20.43 -4.32
C ASN B 48 1.36 20.12 -5.33
N PRO B 49 1.05 20.05 -6.62
CA PRO B 49 2.09 19.68 -7.60
C PRO B 49 3.17 20.75 -7.74
N GLU B 50 2.84 22.02 -7.50
CA GLU B 50 3.84 23.09 -7.53
C GLU B 50 4.87 22.95 -6.43
N GLU B 51 4.56 22.20 -5.37
CA GLU B 51 5.42 22.09 -4.20
C GLU B 51 5.97 20.68 -4.00
N ARG B 52 5.84 19.81 -5.01
CA ARG B 52 6.16 18.40 -4.83
C ARG B 52 7.64 18.19 -4.52
N GLU B 53 8.51 19.01 -5.10
CA GLU B 53 9.94 18.90 -4.83
C GLU B 53 10.29 19.35 -3.42
N LYS B 54 9.56 20.32 -2.87
CA LYS B 54 9.78 20.68 -1.47
C LYS B 54 9.21 19.61 -0.54
N ILE B 55 8.02 19.09 -0.86
CA ILE B 55 7.46 17.97 -0.11
C ILE B 55 8.42 16.78 -0.12
N ARG B 56 9.09 16.53 -1.24
CA ARG B 56 10.04 15.43 -1.31
C ARG B 56 11.23 15.66 -0.40
N LEU B 57 11.77 16.89 -0.38
CA LEU B 57 12.84 17.22 0.54
C LEU B 57 12.42 16.95 1.98
N ASP B 58 11.21 17.38 2.35
CA ASP B 58 10.78 17.26 3.74
C ASP B 58 10.64 15.81 4.17
N TYR B 59 10.03 14.96 3.33
CA TYR B 59 9.91 13.55 3.67
C TYR B 59 11.29 12.90 3.72
N GLY B 60 12.21 13.32 2.85
CA GLY B 60 13.55 12.78 2.90
C GLY B 60 14.30 13.19 4.15
N ARG B 61 14.13 14.43 4.58
CA ARG B 61 14.71 14.86 5.85
C ARG B 61 14.05 14.12 7.02
N ALA B 62 12.73 13.98 6.99
CA ALA B 62 12.06 13.28 8.08
C ALA B 62 12.54 11.83 8.15
N ALA B 63 12.77 11.20 7.00
CA ALA B 63 13.30 9.85 6.98
C ALA B 63 14.63 9.74 7.71
N GLU B 64 15.53 10.71 7.51
CA GLU B 64 16.78 10.68 8.26
C GLU B 64 16.51 10.82 9.76
N ILE B 65 15.60 11.72 10.12
CA ILE B 65 15.34 11.97 11.53
C ILE B 65 14.75 10.71 12.17
N PHE B 66 13.77 10.09 11.49
CA PHE B 66 13.13 8.90 12.06
C PHE B 66 14.11 7.73 12.14
N ARG B 67 14.98 7.60 11.13
CA ARG B 67 16.00 6.55 11.12
C ARG B 67 16.93 6.68 12.32
N ASP B 68 17.44 7.88 12.58
CA ASP B 68 18.36 8.02 13.68
C ASP B 68 17.65 7.90 15.02
N ALA B 69 16.38 8.32 15.09
CA ALA B 69 15.62 8.14 16.32
C ALA B 69 15.48 6.67 16.66
N LEU B 70 15.12 5.85 15.66
CA LEU B 70 15.08 4.39 15.85
C LEU B 70 16.41 3.85 16.31
N ALA B 71 17.52 4.34 15.74
CA ALA B 71 18.86 3.92 16.14
C ALA B 71 19.10 4.13 17.62
N ARG B 72 18.63 5.26 18.15
CA ARG B 72 18.81 5.62 19.55
C ARG B 72 17.74 5.01 20.47
N ASP B 73 16.87 4.15 19.94
CA ASP B 73 15.87 3.40 20.72
C ASP B 73 14.99 4.31 21.57
N ILE B 74 14.49 5.37 20.93
CA ILE B 74 13.56 6.28 21.57
C ILE B 74 12.18 5.61 21.61
N THR B 75 11.60 5.49 22.81
CA THR B 75 10.35 4.77 23.00
C THR B 75 9.19 5.62 23.51
N THR B 76 9.35 6.93 23.65
CA THR B 76 8.23 7.78 24.11
C THR B 76 8.21 9.11 23.36
N PRO B 77 7.01 9.64 23.07
CA PRO B 77 6.90 10.97 22.46
C PRO B 77 7.82 12.01 23.08
N GLU B 78 7.78 12.11 24.42
CA GLU B 78 8.64 13.05 25.12
C GLU B 78 10.11 12.85 24.76
N ALA B 79 10.60 11.60 24.82
CA ALA B 79 11.98 11.37 24.43
C ALA B 79 12.21 11.78 22.98
N PHE B 80 11.25 11.50 22.09
CA PHE B 80 11.39 11.91 20.68
C PHE B 80 11.47 13.43 20.55
N ASN B 81 10.67 14.16 21.35
CA ASN B 81 10.65 15.62 21.23
C ASN B 81 11.94 16.23 21.75
N ALA B 82 12.55 15.60 22.75
CA ALA B 82 13.81 16.08 23.27
C ALA B 82 14.93 15.83 22.27
N TYR B 83 14.88 14.68 21.57
CA TYR B 83 15.83 14.44 20.49
C TYR B 83 15.63 15.44 19.36
N LEU B 84 14.38 15.67 18.97
CA LEU B 84 14.07 16.68 17.95
C LEU B 84 14.62 18.06 18.33
N GLU B 85 14.40 18.49 19.58
CA GLU B 85 14.89 19.80 20.00
C GLU B 85 16.40 19.89 19.86
N ALA B 86 17.12 18.82 20.23
CA ALA B 86 18.56 18.81 20.07
C ALA B 86 18.98 18.92 18.61
N LEU B 87 18.14 18.49 17.67
CA LEU B 87 18.50 18.63 16.26
C LEU B 87 18.30 20.05 15.73
N GLY B 88 17.54 20.88 16.45
CA GLY B 88 17.35 22.26 16.06
C GLY B 88 15.98 22.54 15.47
N PRO B 89 15.66 23.83 15.29
CA PRO B 89 14.29 24.21 14.94
C PRO B 89 13.83 23.72 13.57
N ASP B 90 14.72 23.53 12.60
CA ASP B 90 14.23 23.04 11.32
C ASP B 90 13.83 21.58 11.38
N ALA B 91 14.53 20.77 12.17
CA ALA B 91 14.07 19.42 12.45
C ALA B 91 12.69 19.41 13.10
N VAL B 92 12.46 20.32 14.06
CA VAL B 92 11.15 20.45 14.70
C VAL B 92 10.12 20.86 13.66
N ARG B 93 10.43 21.88 12.85
CA ARG B 93 9.49 22.35 11.84
C ARG B 93 9.16 21.26 10.83
N THR B 94 10.16 20.52 10.36
CA THR B 94 9.90 19.52 9.33
C THR B 94 8.90 18.49 9.84
N VAL B 95 9.12 17.96 11.04
CA VAL B 95 8.26 16.92 11.56
C VAL B 95 6.85 17.46 11.86
N GLN B 96 6.77 18.66 12.43
CA GLN B 96 5.48 19.27 12.75
C GLN B 96 4.66 19.49 11.48
N ASP B 97 5.28 20.04 10.44
CA ASP B 97 4.57 20.24 9.18
C ASP B 97 4.10 18.91 8.59
N LEU B 98 4.95 17.89 8.60
CA LEU B 98 4.53 16.59 8.08
C LEU B 98 3.34 16.06 8.87
N THR B 99 3.43 16.13 10.20
CA THR B 99 2.33 15.68 11.07
C THR B 99 1.05 16.48 10.82
N ARG B 100 1.19 17.79 10.61
CA ARG B 100 0.02 18.62 10.34
C ARG B 100 -0.62 18.25 9.01
N ARG B 101 0.17 18.14 7.95
CA ARG B 101 -0.40 17.76 6.65
C ARG B 101 -1.03 16.38 6.72
N PHE B 102 -0.48 15.50 7.55
CA PHE B 102 -0.95 14.12 7.67
C PHE B 102 -2.40 14.09 8.14
N VAL B 103 -2.68 14.73 9.28
CA VAL B 103 -4.03 14.70 9.83
C VAL B 103 -4.97 15.56 8.99
N ASP B 104 -4.46 16.60 8.32
CA ASP B 104 -5.33 17.45 7.51
C ASP B 104 -5.87 16.71 6.29
N VAL B 105 -5.04 15.82 5.70
CA VAL B 105 -5.52 15.01 4.57
C VAL B 105 -6.63 14.06 5.04
N ILE B 106 -6.43 13.42 6.19
CA ILE B 106 -7.47 12.57 6.75
C ILE B 106 -8.76 13.34 6.94
N ARG B 107 -8.66 14.56 7.48
CA ARG B 107 -9.87 15.35 7.74
CA ARG B 107 -9.89 15.32 7.74
C ARG B 107 -10.52 15.82 6.44
N ALA B 108 -9.70 16.12 5.42
CA ALA B 108 -10.22 16.72 4.19
C ALA B 108 -10.95 15.72 3.27
N ASP B 109 -10.69 14.42 3.36
CA ASP B 109 -11.33 13.44 2.46
C ASP B 109 -11.60 12.15 3.23
N PRO B 110 -12.56 12.19 4.18
CA PRO B 110 -12.86 10.98 4.95
C PRO B 110 -13.43 9.87 4.09
N GLU B 111 -14.19 10.21 3.03
CA GLU B 111 -14.85 9.21 2.20
C GLU B 111 -13.85 8.35 1.44
N ALA B 112 -12.86 8.97 0.81
CA ALA B 112 -11.87 8.20 0.07
C ALA B 112 -11.08 7.28 1.00
N ILE B 113 -10.77 7.75 2.21
CA ILE B 113 -10.02 6.91 3.15
C ILE B 113 -10.91 5.80 3.72
N ALA B 114 -12.17 6.11 4.00
CA ALA B 114 -13.11 5.07 4.43
C ALA B 114 -13.18 3.94 3.41
N LYS B 115 -13.19 4.28 2.12
CA LYS B 115 -13.19 3.26 1.07
C LYS B 115 -11.88 2.51 1.00
N LEU B 116 -10.77 3.24 1.00
CA LEU B 116 -9.44 2.64 0.98
C LEU B 116 -9.30 1.55 2.05
N LEU B 117 -9.78 1.81 3.27
CA LEU B 117 -9.59 0.91 4.39
C LEU B 117 -10.83 0.09 4.68
N ASN B 118 -11.87 0.23 3.86
CA ASN B 118 -13.21 -0.33 4.11
C ASN B 118 -13.66 -0.10 5.54
N ILE B 119 -13.57 1.15 5.99
CA ILE B 119 -14.16 1.50 7.28
C ILE B 119 -15.17 2.59 7.01
N SER B 120 -15.82 3.09 8.06
CA SER B 120 -16.88 4.07 7.86
C SER B 120 -16.32 5.49 7.89
N LYS B 121 -17.11 6.42 7.38
CA LYS B 121 -16.77 7.84 7.45
C LYS B 121 -16.59 8.30 8.90
N GLU B 122 -17.48 7.86 9.80
CA GLU B 122 -17.30 8.14 11.22
C GLU B 122 -15.96 7.63 11.73
N ASP B 123 -15.60 6.41 11.30
CA ASP B 123 -14.30 5.85 11.70
C ASP B 123 -13.15 6.73 11.26
N VAL B 124 -13.20 7.26 10.03
CA VAL B 124 -12.10 8.08 9.52
C VAL B 124 -12.03 9.39 10.29
N GLN B 125 -13.18 9.99 10.61
CA GLN B 125 -13.18 11.17 11.47
C GLN B 125 -12.68 10.84 12.86
N GLY B 126 -12.92 9.62 13.34
CA GLY B 126 -12.26 9.17 14.55
C GLY B 126 -10.75 9.16 14.43
N LEU B 127 -10.21 8.84 13.24
CA LEU B 127 -8.76 8.89 13.05
C LEU B 127 -8.24 10.32 13.12
N ALA B 128 -8.90 11.25 12.40
CA ALA B 128 -8.47 12.64 12.43
C ALA B 128 -8.61 13.22 13.83
N ARG B 129 -9.65 12.82 14.55
CA ARG B 129 -9.82 13.31 15.92
C ARG B 129 -8.69 12.80 16.81
N ALA B 130 -8.27 11.54 16.64
CA ALA B 130 -7.26 10.98 17.52
C ALA B 130 -5.90 11.60 17.25
N GLY B 131 -5.56 11.83 15.97
CA GLY B 131 -4.31 12.48 15.66
C GLY B 131 -4.27 13.91 16.16
N GLU B 132 -5.34 14.67 15.91
CA GLU B 132 -5.44 16.03 16.44
C GLU B 132 -5.36 16.02 17.97
N ALA B 133 -5.98 15.04 18.63
CA ALA B 133 -5.80 14.95 20.08
C ALA B 133 -4.37 14.59 20.45
N ALA B 134 -3.68 13.81 19.61
CA ALA B 134 -2.29 13.45 19.90
C ALA B 134 -1.35 14.64 19.70
N ILE B 135 -1.61 15.45 18.66
CA ILE B 135 -0.86 16.70 18.49
C ILE B 135 -1.01 17.58 19.73
N GLU B 136 -2.20 17.59 20.33
CA GLU B 136 -2.42 18.41 21.53
C GLU B 136 -1.53 17.97 22.67
N ARG B 137 -1.37 16.66 22.85
CA ARG B 137 -0.51 16.12 23.89
C ARG B 137 0.97 16.15 23.53
N GLY B 138 1.35 16.80 22.44
CA GLY B 138 2.73 16.75 22.01
C GLY B 138 3.19 15.40 21.49
N GLU B 139 2.27 14.52 21.07
CA GLU B 139 2.62 13.18 20.62
C GLU B 139 2.82 13.05 19.13
N GLY B 140 2.27 13.94 18.32
CA GLY B 140 2.38 13.73 16.90
C GLY B 140 1.21 12.91 16.38
N ALA B 141 0.54 13.43 15.35
CA ALA B 141 -0.63 12.80 14.77
C ALA B 141 -0.57 11.28 14.52
N SER B 142 0.48 10.83 13.84
N SER B 142 0.48 10.85 13.84
CA SER B 142 0.67 9.41 13.52
CA SER B 142 0.66 9.47 13.49
C SER B 142 0.38 8.46 14.65
C SER B 142 0.44 8.45 14.62
N LEU B 143 0.89 8.77 15.82
CA LEU B 143 0.71 7.91 16.96
C LEU B 143 -0.75 7.83 17.35
N GLY B 144 -1.40 8.96 17.44
CA GLY B 144 -2.84 8.93 17.71
C GLY B 144 -3.59 8.11 16.67
N VAL B 145 -3.25 8.31 15.39
CA VAL B 145 -3.95 7.62 14.30
C VAL B 145 -3.73 6.10 14.39
N LEU B 146 -2.50 5.68 14.64
CA LEU B 146 -2.21 4.26 14.80
C LEU B 146 -3.07 3.64 15.90
N ARG B 147 -3.09 4.29 17.07
CA ARG B 147 -3.89 3.79 18.19
C ARG B 147 -5.36 3.67 17.79
N GLU B 148 -5.90 4.71 17.16
CA GLU B 148 -7.30 4.65 16.75
C GLU B 148 -7.53 3.59 15.67
N LEU B 149 -6.58 3.43 14.74
CA LEU B 149 -6.69 2.33 13.78
C LEU B 149 -6.88 1.00 14.49
N ARG B 150 -6.15 0.80 15.60
CA ARG B 150 -6.22 -0.44 16.36
C ARG B 150 -7.59 -0.60 17.02
N LYS B 151 -8.14 0.50 17.58
CA LYS B 151 -9.46 0.42 18.18
C LYS B 151 -10.51 0.03 17.15
N ILE B 152 -10.46 0.63 15.95
CA ILE B 152 -11.43 0.30 14.92
C ILE B 152 -11.38 -1.19 14.61
N GLU B 153 -10.18 -1.74 14.46
CA GLU B 153 -10.05 -3.15 14.15
C GLU B 153 -10.62 -4.04 15.25
N LYS B 154 -10.64 -3.57 16.50
CA LYS B 154 -11.26 -4.36 17.57
C LYS B 154 -12.72 -4.67 17.28
N LYS B 155 -13.38 -3.83 16.48
CA LYS B 155 -14.77 -4.04 16.11
C LYS B 155 -14.95 -5.15 15.07
N ARG B 156 -13.86 -5.76 14.58
CA ARG B 156 -14.02 -7.00 13.82
C ARG B 156 -14.50 -8.13 14.72
N ASN B 157 -14.15 -8.10 16.01
CA ASN B 157 -14.73 -9.01 17.00
C ASN B 157 -15.82 -8.32 17.82
#